data_4FN8
#
_entry.id   4FN8
#
_cell.length_a   75.496
_cell.length_b   75.496
_cell.length_c   136.852
_cell.angle_alpha   90.000
_cell.angle_beta   90.000
_cell.angle_gamma   120.000
#
_symmetry.space_group_name_H-M   'P 63 2 2'
#
loop_
_entity.id
_entity.type
_entity.pdbx_description
1 polymer 'Enoyl-CoA hydratase/isomerase family protein'
2 non-polymer 'ACETOACETYL-COENZYME A'
3 non-polymer 'SULFATE ION'
4 water water
#
_entity_poly.entity_id   1
_entity_poly.type   'polypeptide(L)'
_entity_poly.pdbx_seq_one_letter_code
;SMSDPVSYTRKDSIAVISMDDGKVNALGPAMQQALNAAIDNADRDDVGALVITGNGRVFSGGFDLKILTSGEVQPAIDML
RGGFELAYRLLSYPKPVVMACTGHAIAMGAFLLSCGDHRVAAHAYNIQANEVAIGMTIPYAALEIMKLRLTRSAYQQATG
LAKTFFGETALAAGFIDEIALPEVVVSRAEEAAREFAGLNQHAHAATKLRSRADALTAIRAGIDGIAAEFGL
;
_entity_poly.pdbx_strand_id   A
#
loop_
_chem_comp.id
_chem_comp.type
_chem_comp.name
_chem_comp.formula
CAA non-polymer 'ACETOACETYL-COENZYME A' 'C25 H40 N7 O18 P3 S'
SO4 non-polymer 'SULFATE ION' 'O4 S -2'
#
# COMPACT_ATOMS: atom_id res chain seq x y z
N SER A 1 14.27 -3.53 -8.22
CA SER A 1 15.41 -3.16 -9.03
C SER A 1 16.61 -3.98 -8.64
N MET A 2 16.80 -4.16 -7.34
CA MET A 2 17.81 -5.08 -6.90
C MET A 2 17.30 -6.49 -7.14
N SER A 3 18.20 -7.47 -7.06
CA SER A 3 17.84 -8.82 -7.43
C SER A 3 16.95 -9.46 -6.38
N ASP A 4 17.07 -8.98 -5.14
CA ASP A 4 16.36 -9.56 -4.01
C ASP A 4 15.64 -8.45 -3.23
N PRO A 5 14.55 -7.92 -3.79
CA PRO A 5 13.97 -6.66 -3.30
C PRO A 5 13.05 -6.75 -2.08
N VAL A 6 12.68 -7.97 -1.64
CA VAL A 6 11.77 -8.12 -0.51
C VAL A 6 12.31 -9.10 0.50
N SER A 7 12.26 -8.74 1.79
CA SER A 7 12.64 -9.68 2.83
C SER A 7 11.41 -10.04 3.66
N TYR A 8 11.40 -11.26 4.20
CA TYR A 8 10.31 -11.76 5.03
C TYR A 8 10.94 -12.23 6.34
N THR A 9 10.43 -11.71 7.46
CA THR A 9 10.90 -12.12 8.76
C THR A 9 9.73 -12.36 9.68
N ARG A 10 9.63 -13.56 10.24
CA ARG A 10 8.59 -13.82 11.22
C ARG A 10 9.10 -13.52 12.62
N LYS A 11 8.38 -12.70 13.36
CA LYS A 11 8.69 -12.41 14.75
C LYS A 11 7.46 -12.72 15.59
N ASP A 12 7.47 -13.85 16.31
CA ASP A 12 6.35 -14.28 17.13
C ASP A 12 5.00 -14.20 16.40
N SER A 13 4.13 -13.30 16.84
CA SER A 13 2.77 -13.23 16.29
C SER A 13 2.65 -12.47 14.98
N ILE A 14 3.76 -11.94 14.45
CA ILE A 14 3.67 -11.14 13.22
C ILE A 14 4.68 -11.54 12.17
N ALA A 15 4.40 -11.14 10.93
CA ALA A 15 5.37 -11.28 9.85
C ALA A 15 5.75 -9.88 9.41
N VAL A 16 7.05 -9.63 9.23
CA VAL A 16 7.49 -8.33 8.74
C VAL A 16 8.01 -8.47 7.32
N ILE A 17 7.37 -7.75 6.40
CA ILE A 17 7.73 -7.81 4.98
C ILE A 17 8.31 -6.45 4.58
N SER A 18 9.58 -6.43 4.18
CA SER A 18 10.26 -5.17 3.89
C SER A 18 10.67 -5.04 2.42
N MET A 19 10.25 -3.94 1.80
CA MET A 19 10.69 -3.63 0.44
C MET A 19 12.00 -2.83 0.46
N ASP A 20 13.00 -3.33 -0.26
CA ASP A 20 14.22 -2.56 -0.50
C ASP A 20 14.89 -3.04 -1.76
N ASP A 21 14.62 -2.35 -2.86
CA ASP A 21 15.26 -2.67 -4.13
C ASP A 21 16.54 -1.87 -4.34
N GLY A 22 17.04 -1.25 -3.26
CA GLY A 22 18.24 -0.44 -3.32
C GLY A 22 18.03 0.94 -3.93
N LYS A 23 16.79 1.23 -4.31
CA LYS A 23 16.50 2.55 -4.89
C LYS A 23 15.17 3.10 -4.33
N VAL A 24 14.15 3.22 -5.17
CA VAL A 24 12.87 3.77 -4.71
C VAL A 24 11.70 2.76 -4.68
N ASN A 25 12.04 1.48 -4.56
CA ASN A 25 11.02 0.43 -4.41
C ASN A 25 9.93 0.50 -5.49
N ALA A 26 10.39 0.65 -6.74
CA ALA A 26 9.48 0.66 -7.89
C ALA A 26 8.69 -0.65 -7.93
N LEU A 27 7.38 -0.53 -8.15
CA LEU A 27 6.47 -1.67 -8.04
C LEU A 27 6.31 -2.35 -9.40
N GLY A 28 7.44 -2.81 -9.94
CA GLY A 28 7.45 -3.52 -11.20
C GLY A 28 7.14 -4.99 -11.01
N PRO A 29 7.23 -5.79 -12.08
CA PRO A 29 6.85 -7.21 -11.98
C PRO A 29 7.65 -7.99 -10.94
N ALA A 30 8.95 -7.79 -10.86
CA ALA A 30 9.78 -8.51 -9.89
C ALA A 30 9.39 -8.18 -8.46
N MET A 31 9.14 -6.89 -8.19
CA MET A 31 8.74 -6.48 -6.85
C MET A 31 7.38 -7.07 -6.49
N GLN A 32 6.46 -7.07 -7.45
CA GLN A 32 5.12 -7.60 -7.20
C GLN A 32 5.19 -9.10 -6.93
N GLN A 33 6.01 -9.79 -7.72
CA GLN A 33 6.23 -11.22 -7.51
C GLN A 33 6.78 -11.48 -6.11
N ALA A 34 7.78 -10.70 -5.71
CA ALA A 34 8.39 -10.89 -4.40
C ALA A 34 7.43 -10.62 -3.24
N LEU A 35 6.60 -9.59 -3.38
CA LEU A 35 5.58 -9.28 -2.38
C LEU A 35 4.51 -10.38 -2.27
N ASN A 36 4.00 -10.86 -3.40
CA ASN A 36 3.05 -11.96 -3.37
C ASN A 36 3.63 -13.23 -2.71
N ALA A 37 4.89 -13.50 -3.00
CA ALA A 37 5.56 -14.67 -2.41
C ALA A 37 5.73 -14.50 -0.91
N ALA A 38 6.06 -13.28 -0.48
CA ALA A 38 6.17 -12.98 0.94
C ALA A 38 4.82 -13.15 1.63
N ILE A 39 3.75 -12.70 0.98
CA ILE A 39 2.43 -12.91 1.55
C ILE A 39 2.09 -14.41 1.62
N ASP A 40 2.48 -15.16 0.61
CA ASP A 40 2.29 -16.61 0.65
C ASP A 40 2.99 -17.20 1.87
N ASN A 41 4.19 -16.69 2.19
CA ASN A 41 4.92 -17.14 3.36
CA ASN A 41 4.92 -17.12 3.38
C ASN A 41 4.13 -16.85 4.65
N ALA A 42 3.55 -15.65 4.75
CA ALA A 42 2.72 -15.31 5.89
C ALA A 42 1.50 -16.21 5.98
N ASP A 43 0.94 -16.60 4.83
CA ASP A 43 -0.19 -17.52 4.83
C ASP A 43 0.23 -18.87 5.41
N ARG A 44 1.38 -19.35 4.95
CA ARG A 44 1.89 -20.65 5.39
C ARG A 44 2.12 -20.62 6.90
N ASP A 45 2.62 -19.50 7.39
CA ASP A 45 2.98 -19.38 8.79
C ASP A 45 1.78 -19.05 9.67
N ASP A 46 0.66 -18.75 9.03
CA ASP A 46 -0.59 -18.41 9.72
C ASP A 46 -0.32 -17.37 10.80
N VAL A 47 0.35 -16.29 10.41
CA VAL A 47 0.74 -15.26 11.37
C VAL A 47 -0.47 -14.48 11.86
N GLY A 48 -0.30 -13.75 12.95
CA GLY A 48 -1.41 -13.03 13.55
C GLY A 48 -1.67 -11.72 12.83
N ALA A 49 -0.62 -11.13 12.28
CA ALA A 49 -0.76 -9.87 11.56
C ALA A 49 0.46 -9.63 10.68
N LEU A 50 0.30 -8.74 9.71
CA LEU A 50 1.35 -8.40 8.75
CA LEU A 50 1.35 -8.42 8.76
C LEU A 50 1.81 -6.97 8.95
N VAL A 51 3.12 -6.75 8.85
CA VAL A 51 3.67 -5.40 8.76
C VAL A 51 4.40 -5.33 7.44
N ILE A 52 4.12 -4.28 6.66
CA ILE A 52 4.82 -4.07 5.40
C ILE A 52 5.56 -2.74 5.46
N THR A 53 6.86 -2.76 5.13
CA THR A 53 7.69 -1.56 5.22
C THR A 53 8.33 -1.23 3.89
N GLY A 54 8.82 0.01 3.77
CA GLY A 54 9.65 0.41 2.65
C GLY A 54 11.11 0.39 3.11
N ASN A 55 11.97 1.21 2.50
CA ASN A 55 13.36 1.29 2.94
C ASN A 55 13.67 2.63 3.60
N GLY A 56 14.94 2.99 3.71
CA GLY A 56 15.28 4.23 4.38
C GLY A 56 14.98 5.48 3.55
N ARG A 57 14.76 5.29 2.26
CA ARG A 57 14.61 6.40 1.32
C ARG A 57 13.14 6.70 1.00
N VAL A 58 12.35 5.64 0.80
CA VAL A 58 10.91 5.78 0.47
C VAL A 58 10.10 4.64 1.06
N PHE A 59 8.78 4.81 1.07
CA PHE A 59 7.91 3.65 1.17
C PHE A 59 7.95 3.02 -0.23
N SER A 60 7.45 3.77 -1.21
CA SER A 60 7.61 3.39 -2.62
C SER A 60 7.30 4.57 -3.52
N GLY A 61 8.10 4.73 -4.57
CA GLY A 61 7.87 5.74 -5.59
C GLY A 61 6.83 5.36 -6.63
N GLY A 62 6.17 4.21 -6.45
CA GLY A 62 5.08 3.81 -7.34
C GLY A 62 5.48 2.78 -8.39
N PHE A 63 4.69 2.68 -9.46
CA PHE A 63 4.98 1.75 -10.55
C PHE A 63 6.30 2.13 -11.21
N ASP A 64 6.95 1.14 -11.86
CA ASP A 64 8.18 1.37 -12.60
C ASP A 64 7.92 2.28 -13.79
N LEU A 65 8.43 3.50 -13.74
CA LEU A 65 8.23 4.47 -14.82
C LEU A 65 8.85 4.02 -16.15
N LYS A 66 9.94 3.26 -16.06
CA LYS A 66 10.59 2.75 -17.27
C LYS A 66 9.62 1.89 -18.06
N ILE A 67 8.98 0.95 -17.38
CA ILE A 67 8.01 0.07 -18.03
C ILE A 67 6.78 0.86 -18.46
N LEU A 68 6.34 1.79 -17.62
CA LEU A 68 5.16 2.57 -17.92
C LEU A 68 5.32 3.36 -19.22
N THR A 69 6.53 3.88 -19.44
CA THR A 69 6.78 4.75 -20.59
C THR A 69 7.57 4.09 -21.73
N SER A 70 7.64 2.76 -21.74
CA SER A 70 8.48 2.07 -22.73
C SER A 70 7.88 2.03 -24.12
N GLY A 71 6.58 2.30 -24.20
CA GLY A 71 5.85 2.19 -25.45
C GLY A 71 5.28 0.80 -25.70
N GLU A 72 5.52 -0.13 -24.77
CA GLU A 72 4.98 -1.48 -24.90
C GLU A 72 3.70 -1.61 -24.07
N VAL A 73 2.57 -1.67 -24.76
CA VAL A 73 1.25 -1.58 -24.11
C VAL A 73 0.94 -2.72 -23.14
N GLN A 74 1.13 -3.97 -23.56
CA GLN A 74 0.68 -5.09 -22.72
C GLN A 74 1.48 -5.25 -21.41
N PRO A 75 2.81 -5.05 -21.47
CA PRO A 75 3.62 -5.06 -20.24
C PRO A 75 3.21 -3.97 -19.25
N ALA A 76 2.88 -2.78 -19.74
CA ALA A 76 2.38 -1.71 -18.88
C ALA A 76 1.01 -2.07 -18.28
N ILE A 77 0.12 -2.61 -19.12
CA ILE A 77 -1.18 -3.08 -18.63
C ILE A 77 -0.99 -4.14 -17.53
N ASP A 78 -0.14 -5.11 -17.80
CA ASP A 78 0.07 -6.21 -16.86
C ASP A 78 0.66 -5.71 -15.55
N MET A 79 1.59 -4.77 -15.61
CA MET A 79 2.15 -4.17 -14.40
C MET A 79 1.07 -3.45 -13.57
N LEU A 80 0.23 -2.65 -14.22
CA LEU A 80 -0.84 -1.97 -13.49
C LEU A 80 -1.85 -2.95 -12.90
N ARG A 81 -2.27 -3.95 -13.68
CA ARG A 81 -3.20 -4.94 -13.18
C ARG A 81 -2.63 -5.66 -11.95
N GLY A 82 -1.35 -6.05 -12.03
CA GLY A 82 -0.71 -6.73 -10.92
C GLY A 82 -0.65 -5.88 -9.67
N GLY A 83 -0.40 -4.58 -9.84
CA GLY A 83 -0.33 -3.69 -8.69
C GLY A 83 -1.69 -3.55 -8.00
N PHE A 84 -2.74 -3.42 -8.79
CA PHE A 84 -4.08 -3.28 -8.20
C PHE A 84 -4.60 -4.62 -7.67
N GLU A 85 -4.14 -5.72 -8.26
CA GLU A 85 -4.47 -7.02 -7.72
C GLU A 85 -3.89 -7.18 -6.31
N LEU A 86 -2.65 -6.71 -6.16
CA LEU A 86 -1.97 -6.78 -4.87
C LEU A 86 -2.71 -5.91 -3.86
N ALA A 87 -3.12 -4.73 -4.30
CA ALA A 87 -3.96 -3.86 -3.44
C ALA A 87 -5.24 -4.60 -3.00
N TYR A 88 -5.88 -5.28 -3.94
CA TYR A 88 -7.09 -6.03 -3.63
C TYR A 88 -6.79 -7.10 -2.58
N ARG A 89 -5.71 -7.84 -2.81
CA ARG A 89 -5.32 -8.93 -1.92
C ARG A 89 -5.09 -8.43 -0.50
N LEU A 90 -4.47 -7.25 -0.37
CA LEU A 90 -4.17 -6.70 0.94
C LEU A 90 -5.42 -6.12 1.62
N LEU A 91 -6.26 -5.42 0.86
CA LEU A 91 -7.50 -4.89 1.41
C LEU A 91 -8.45 -5.99 1.88
N SER A 92 -8.37 -7.16 1.27
CA SER A 92 -9.24 -8.28 1.65
CA SER A 92 -9.22 -8.29 1.63
C SER A 92 -8.52 -9.29 2.54
N TYR A 93 -7.27 -9.00 2.91
CA TYR A 93 -6.46 -9.97 3.67
C TYR A 93 -7.11 -10.32 5.00
N PRO A 94 -7.15 -11.62 5.33
CA PRO A 94 -7.87 -12.09 6.53
C PRO A 94 -7.20 -11.75 7.87
N LYS A 95 -5.97 -11.22 7.84
CA LYS A 95 -5.27 -10.81 9.07
C LYS A 95 -5.10 -9.29 9.02
N PRO A 96 -4.97 -8.65 10.19
CA PRO A 96 -4.67 -7.21 10.20
C PRO A 96 -3.38 -6.92 9.44
N VAL A 97 -3.38 -5.82 8.68
CA VAL A 97 -2.23 -5.42 7.88
C VAL A 97 -1.81 -4.02 8.33
N VAL A 98 -0.57 -3.85 8.73
CA VAL A 98 -0.08 -2.54 9.17
C VAL A 98 1.05 -2.07 8.27
N MET A 99 0.90 -0.86 7.73
CA MET A 99 1.92 -0.28 6.85
C MET A 99 2.87 0.61 7.63
N ALA A 100 4.15 0.34 7.49
CA ALA A 100 5.21 1.19 8.02
C ALA A 100 5.70 2.09 6.89
N CYS A 101 5.16 3.30 6.83
CA CYS A 101 5.53 4.22 5.76
C CYS A 101 6.87 4.86 6.12
N THR A 102 7.96 4.26 5.64
CA THR A 102 9.30 4.63 6.08
C THR A 102 9.94 5.75 5.25
N GLY A 103 9.17 6.28 4.31
CA GLY A 103 9.58 7.39 3.48
C GLY A 103 8.42 7.81 2.58
N HIS A 104 8.71 8.62 1.57
CA HIS A 104 7.67 9.13 0.68
C HIS A 104 6.88 7.99 0.04
N ALA A 105 5.61 8.24 -0.23
CA ALA A 105 4.75 7.27 -0.90
C ALA A 105 4.04 7.97 -2.04
N ILE A 106 4.47 7.70 -3.27
CA ILE A 106 3.96 8.42 -4.45
C ILE A 106 3.16 7.50 -5.36
N ALA A 107 1.98 7.96 -5.77
CA ALA A 107 1.14 7.25 -6.73
C ALA A 107 0.86 5.81 -6.30
N MET A 108 1.26 4.80 -7.06
CA MET A 108 0.97 3.44 -6.59
C MET A 108 1.54 3.17 -5.18
N GLY A 109 2.60 3.89 -4.81
CA GLY A 109 3.13 3.75 -3.45
C GLY A 109 2.11 4.23 -2.42
N ALA A 110 1.44 5.33 -2.72
CA ALA A 110 0.39 5.85 -1.85
C ALA A 110 -0.84 4.94 -1.88
N PHE A 111 -1.15 4.35 -3.03
CA PHE A 111 -2.33 3.48 -3.11
C PHE A 111 -2.07 2.20 -2.31
N LEU A 112 -0.86 1.65 -2.43
CA LEU A 112 -0.45 0.49 -1.65
C LEU A 112 -0.54 0.80 -0.16
N LEU A 113 0.03 1.94 0.22
CA LEU A 113 -0.04 2.38 1.62
C LEU A 113 -1.48 2.39 2.12
N SER A 114 -2.39 2.86 1.26
CA SER A 114 -3.80 3.03 1.61
C SER A 114 -4.56 1.71 1.75
N CYS A 115 -3.85 0.59 1.59
CA CYS A 115 -4.47 -0.73 1.77
C CYS A 115 -4.29 -1.29 3.18
N GLY A 116 -3.51 -0.61 4.01
CA GLY A 116 -3.29 -1.08 5.38
C GLY A 116 -4.46 -0.76 6.29
N ASP A 117 -4.71 -1.65 7.25
CA ASP A 117 -5.73 -1.41 8.28
C ASP A 117 -5.30 -0.26 9.16
N HIS A 118 -3.99 -0.17 9.38
CA HIS A 118 -3.39 0.92 10.12
C HIS A 118 -2.12 1.35 9.39
N ARG A 119 -1.88 2.66 9.32
CA ARG A 119 -0.76 3.19 8.56
C ARG A 119 -0.02 4.23 9.39
N VAL A 120 1.29 4.05 9.51
CA VAL A 120 2.13 4.92 10.33
C VAL A 120 3.17 5.58 9.42
N ALA A 121 3.36 6.89 9.56
CA ALA A 121 4.40 7.60 8.81
C ALA A 121 5.09 8.65 9.71
N ALA A 122 6.20 9.21 9.24
CA ALA A 122 6.81 10.36 9.90
C ALA A 122 6.35 11.66 9.23
N HIS A 123 6.53 12.79 9.90
CA HIS A 123 5.83 14.01 9.52
C HIS A 123 6.30 14.63 8.20
N ALA A 124 7.50 14.30 7.76
CA ALA A 124 8.04 14.93 6.56
C ALA A 124 8.01 13.99 5.35
N TYR A 125 7.28 12.89 5.45
CA TYR A 125 7.16 11.99 4.31
C TYR A 125 5.98 12.44 3.44
N ASN A 126 6.25 12.69 2.16
CA ASN A 126 5.21 13.13 1.23
C ASN A 126 4.36 11.97 0.76
N ILE A 127 3.05 12.17 0.80
CA ILE A 127 2.12 11.18 0.30
C ILE A 127 1.25 11.86 -0.75
N GLN A 128 1.33 11.38 -1.99
CA GLN A 128 0.75 12.11 -3.10
C GLN A 128 0.40 11.19 -4.27
N ALA A 129 -0.80 11.37 -4.82
CA ALA A 129 -1.13 10.80 -6.11
C ALA A 129 -0.73 11.86 -7.12
N ASN A 130 0.44 11.71 -7.73
CA ASN A 130 1.02 12.77 -8.54
C ASN A 130 0.65 12.69 -10.01
N GLU A 131 -0.27 11.77 -10.35
CA GLU A 131 -0.58 11.49 -11.75
C GLU A 131 -0.87 12.75 -12.56
N VAL A 132 -1.75 13.60 -12.06
CA VAL A 132 -2.17 14.79 -12.80
C VAL A 132 -1.01 15.76 -13.05
N ALA A 133 -0.11 15.84 -12.08
CA ALA A 133 1.08 16.68 -12.21
C ALA A 133 2.00 16.16 -13.33
N ILE A 134 1.93 14.86 -13.61
CA ILE A 134 2.82 14.32 -14.66
C ILE A 134 2.08 13.91 -15.93
N GLY A 135 0.83 14.36 -16.07
CA GLY A 135 0.10 14.15 -17.31
C GLY A 135 -0.66 12.85 -17.44
N MET A 136 -0.91 12.17 -16.33
CA MET A 136 -1.70 10.94 -16.39
C MET A 136 -3.02 11.09 -15.64
N THR A 137 -4.04 10.42 -16.16
CA THR A 137 -5.34 10.32 -15.49
C THR A 137 -5.24 9.20 -14.46
N ILE A 138 -5.88 9.39 -13.30
CA ILE A 138 -5.84 8.37 -12.26
C ILE A 138 -6.77 7.20 -12.60
N PRO A 139 -6.22 5.96 -12.60
CA PRO A 139 -7.04 4.79 -12.90
C PRO A 139 -8.19 4.64 -11.91
N TYR A 140 -9.31 4.11 -12.38
CA TYR A 140 -10.47 3.94 -11.51
C TYR A 140 -10.16 3.10 -10.26
N ALA A 141 -9.37 2.05 -10.41
CA ALA A 141 -9.04 1.21 -9.26
C ALA A 141 -8.33 2.06 -8.18
N ALA A 142 -7.47 2.97 -8.60
CA ALA A 142 -6.74 3.83 -7.66
C ALA A 142 -7.70 4.81 -6.99
N LEU A 143 -8.59 5.40 -7.78
CA LEU A 143 -9.60 6.30 -7.21
C LEU A 143 -10.40 5.60 -6.14
N GLU A 144 -10.79 4.35 -6.37
CA GLU A 144 -11.62 3.62 -5.41
C GLU A 144 -10.84 3.38 -4.11
N ILE A 145 -9.55 3.09 -4.24
CA ILE A 145 -8.70 2.90 -3.06
C ILE A 145 -8.63 4.21 -2.24
N MET A 146 -8.41 5.32 -2.93
CA MET A 146 -8.35 6.60 -2.24
C MET A 146 -9.70 6.98 -1.64
N LYS A 147 -10.78 6.70 -2.37
CA LYS A 147 -12.11 7.10 -1.90
C LYS A 147 -12.49 6.35 -0.64
N LEU A 148 -11.85 5.20 -0.42
CA LEU A 148 -12.11 4.42 0.77
C LEU A 148 -11.54 5.07 2.04
N ARG A 149 -10.51 5.90 1.90
CA ARG A 149 -9.79 6.42 3.06
C ARG A 149 -9.81 7.95 3.21
N LEU A 150 -9.77 8.67 2.09
CA LEU A 150 -9.62 10.13 2.16
C LEU A 150 -10.95 10.83 2.42
N THR A 151 -10.96 11.88 3.24
CA THR A 151 -12.22 12.59 3.47
C THR A 151 -12.72 13.12 2.13
N ARG A 152 -14.00 13.47 2.07
CA ARG A 152 -14.56 13.93 0.80
C ARG A 152 -13.78 15.08 0.18
N SER A 153 -13.48 16.13 0.95
CA SER A 153 -12.72 17.24 0.39
C SER A 153 -11.24 16.94 0.10
N ALA A 154 -10.59 16.15 0.96
CA ALA A 154 -9.21 15.75 0.69
C ALA A 154 -9.13 14.92 -0.58
N TYR A 155 -10.11 14.04 -0.79
CA TYR A 155 -10.17 13.22 -1.99
C TYR A 155 -10.23 14.08 -3.25
N GLN A 156 -11.01 15.15 -3.20
CA GLN A 156 -11.11 16.07 -4.34
C GLN A 156 -9.75 16.65 -4.69
N GLN A 157 -9.01 17.13 -3.70
CA GLN A 157 -7.74 17.79 -3.99
C GLN A 157 -6.62 16.80 -4.30
N ALA A 158 -6.67 15.63 -3.68
CA ALA A 158 -5.66 14.59 -3.91
C ALA A 158 -5.68 14.11 -5.36
N THR A 159 -6.85 14.13 -5.97
CA THR A 159 -7.02 13.57 -7.31
C THR A 159 -6.81 14.65 -8.38
N GLY A 160 -7.81 15.52 -8.54
CA GLY A 160 -7.76 16.53 -9.58
C GLY A 160 -6.59 17.52 -9.48
N LEU A 161 -6.12 17.77 -8.27
CA LEU A 161 -5.04 18.74 -8.08
C LEU A 161 -3.70 18.13 -7.67
N ALA A 162 -3.63 16.80 -7.62
CA ALA A 162 -2.40 16.10 -7.24
C ALA A 162 -1.80 16.65 -5.95
N LYS A 163 -2.65 16.93 -4.97
CA LYS A 163 -2.18 17.58 -3.75
C LYS A 163 -1.24 16.68 -2.95
N THR A 164 -0.18 17.26 -2.40
CA THR A 164 0.73 16.49 -1.56
C THR A 164 0.33 16.66 -0.10
N PHE A 165 0.25 15.53 0.60
CA PHE A 165 -0.09 15.53 2.02
C PHE A 165 1.11 15.04 2.82
N PHE A 166 1.17 15.45 4.08
CA PHE A 166 2.22 15.01 4.98
C PHE A 166 1.82 15.33 6.42
N GLY A 167 2.37 14.56 7.36
CA GLY A 167 2.23 14.91 8.76
C GLY A 167 0.79 15.15 9.16
N GLU A 168 0.53 16.28 9.80
CA GLU A 168 -0.82 16.59 10.29
C GLU A 168 -1.88 16.65 9.17
N THR A 169 -1.50 17.16 8.00
CA THR A 169 -2.47 17.23 6.91
C THR A 169 -2.81 15.85 6.35
N ALA A 170 -1.83 14.94 6.31
CA ALA A 170 -2.11 13.55 5.91
C ALA A 170 -2.99 12.84 6.93
N LEU A 171 -2.77 13.11 8.21
CA LEU A 171 -3.58 12.50 9.24
C LEU A 171 -5.03 12.98 9.11
N ALA A 172 -5.21 14.29 9.00
CA ALA A 172 -6.54 14.87 8.87
C ALA A 172 -7.25 14.39 7.60
N ALA A 173 -6.49 14.23 6.52
CA ALA A 173 -7.07 13.85 5.22
C ALA A 173 -7.47 12.39 5.16
N GLY A 174 -6.84 11.57 6.00
CA GLY A 174 -7.05 10.13 5.95
C GLY A 174 -6.05 9.38 5.09
N PHE A 175 -4.90 9.98 4.79
CA PHE A 175 -3.83 9.28 4.05
C PHE A 175 -2.94 8.46 5.00
N ILE A 176 -3.04 8.74 6.29
CA ILE A 176 -2.32 7.95 7.31
CA ILE A 176 -2.29 8.00 7.32
C ILE A 176 -3.12 7.97 8.59
N ASP A 177 -2.83 7.03 9.50
CA ASP A 177 -3.55 6.94 10.77
C ASP A 177 -2.73 7.38 11.99
N GLU A 178 -1.41 7.38 11.84
CA GLU A 178 -0.53 7.67 12.97
C GLU A 178 0.75 8.33 12.48
N ILE A 179 1.18 9.37 13.20
CA ILE A 179 2.46 10.02 12.93
C ILE A 179 3.43 9.66 14.06
N ALA A 180 4.65 9.29 13.67
CA ALA A 180 5.70 8.95 14.63
C ALA A 180 7.03 9.47 14.13
N LEU A 181 8.03 9.54 15.00
CA LEU A 181 9.35 9.96 14.55
C LEU A 181 9.94 8.91 13.62
N PRO A 182 10.77 9.33 12.66
CA PRO A 182 11.28 8.39 11.66
C PRO A 182 11.87 7.13 12.28
N GLU A 183 12.64 7.28 13.36
CA GLU A 183 13.39 6.17 13.94
CA GLU A 183 13.38 6.15 13.92
C GLU A 183 12.49 5.13 14.63
N VAL A 184 11.22 5.47 14.82
CA VAL A 184 10.29 4.54 15.47
C VAL A 184 9.08 4.15 14.62
N VAL A 185 9.06 4.59 13.37
CA VAL A 185 7.94 4.22 12.49
C VAL A 185 7.75 2.70 12.40
N VAL A 186 8.83 1.97 12.14
CA VAL A 186 8.72 0.51 12.06
C VAL A 186 8.31 -0.10 13.41
N SER A 187 8.94 0.35 14.49
CA SER A 187 8.60 -0.17 15.80
CA SER A 187 8.60 -0.16 15.81
C SER A 187 7.12 0.07 16.15
N ARG A 188 6.62 1.26 15.84
CA ARG A 188 5.22 1.57 16.10
C ARG A 188 4.30 0.67 15.27
N ALA A 189 4.72 0.39 14.04
CA ALA A 189 3.94 -0.47 13.15
C ALA A 189 3.85 -1.88 13.72
N GLU A 190 5.00 -2.37 14.20
CA GLU A 190 5.07 -3.72 14.77
C GLU A 190 4.28 -3.81 16.05
N GLU A 191 4.32 -2.75 16.84
CA GLU A 191 3.53 -2.70 18.08
C GLU A 191 2.05 -2.78 17.79
N ALA A 192 1.60 -1.98 16.82
CA ALA A 192 0.17 -1.99 16.47
C ALA A 192 -0.24 -3.36 15.95
N ALA A 193 0.60 -3.95 15.10
CA ALA A 193 0.32 -5.26 14.53
C ALA A 193 0.15 -6.30 15.64
N ARG A 194 1.02 -6.24 16.63
CA ARG A 194 0.94 -7.20 17.73
C ARG A 194 -0.37 -7.04 18.50
N GLU A 195 -0.80 -5.79 18.66
CA GLU A 195 -2.07 -5.51 19.31
CA GLU A 195 -2.07 -5.51 19.31
C GLU A 195 -3.25 -6.05 18.50
N PHE A 196 -3.24 -5.81 17.19
CA PHE A 196 -4.36 -6.23 16.34
C PHE A 196 -4.45 -7.74 16.22
N ALA A 197 -3.33 -8.42 16.40
CA ALA A 197 -3.33 -9.88 16.38
C ALA A 197 -4.16 -10.43 17.55
N GLY A 198 -4.41 -9.59 18.55
CA GLY A 198 -5.21 -9.95 19.70
C GLY A 198 -6.71 -9.88 19.45
N LEU A 199 -7.11 -9.21 18.37
CA LEU A 199 -8.52 -9.16 17.98
C LEU A 199 -8.93 -10.55 17.51
N ASN A 200 -10.22 -10.84 17.54
CA ASN A 200 -10.69 -12.12 17.02
C ASN A 200 -10.51 -12.13 15.50
N GLN A 201 -9.72 -13.09 15.02
CA GLN A 201 -9.39 -13.13 13.60
C GLN A 201 -10.60 -13.32 12.69
N HIS A 202 -11.46 -14.28 13.01
CA HIS A 202 -12.65 -14.53 12.19
C HIS A 202 -13.52 -13.28 12.04
N ALA A 203 -13.74 -12.59 13.15
CA ALA A 203 -14.56 -11.39 13.16
C ALA A 203 -13.87 -10.23 12.44
N HIS A 204 -12.55 -10.11 12.63
CA HIS A 204 -11.79 -9.09 11.91
C HIS A 204 -11.92 -9.29 10.40
N ALA A 205 -11.70 -10.53 9.96
CA ALA A 205 -11.71 -10.84 8.53
C ALA A 205 -13.07 -10.56 7.91
N ALA A 206 -14.13 -11.01 8.59
CA ALA A 206 -15.48 -10.84 8.07
C ALA A 206 -15.90 -9.38 8.07
N THR A 207 -15.57 -8.67 9.15
CA THR A 207 -15.97 -7.26 9.29
C THR A 207 -15.25 -6.36 8.29
N LYS A 208 -13.94 -6.55 8.14
CA LYS A 208 -13.20 -5.69 7.20
C LYS A 208 -13.76 -5.81 5.78
N LEU A 209 -14.17 -7.01 5.39
CA LEU A 209 -14.76 -7.19 4.06
C LEU A 209 -16.07 -6.45 3.93
N ARG A 210 -16.91 -6.52 4.96
CA ARG A 210 -18.17 -5.78 4.93
C ARG A 210 -17.92 -4.28 4.86
N SER A 211 -16.88 -3.80 5.54
CA SER A 211 -16.61 -2.37 5.57
C SER A 211 -15.99 -1.87 4.26
N ARG A 212 -15.65 -2.79 3.36
CA ARG A 212 -14.98 -2.48 2.10
C ARG A 212 -15.69 -3.10 0.89
N ALA A 213 -16.91 -3.58 1.09
CA ALA A 213 -17.59 -4.35 0.06
C ALA A 213 -17.69 -3.62 -1.28
N ASP A 214 -18.18 -2.38 -1.27
CA ASP A 214 -18.39 -1.62 -2.50
C ASP A 214 -17.07 -1.29 -3.17
N ALA A 215 -16.08 -0.92 -2.37
CA ALA A 215 -14.75 -0.61 -2.88
C ALA A 215 -14.13 -1.85 -3.55
N LEU A 216 -14.24 -3.00 -2.90
CA LEU A 216 -13.64 -4.21 -3.45
C LEU A 216 -14.29 -4.57 -4.80
N THR A 217 -15.62 -4.49 -4.85
CA THR A 217 -16.33 -4.74 -6.12
C THR A 217 -15.88 -3.78 -7.22
N ALA A 218 -15.77 -2.50 -6.88
CA ALA A 218 -15.35 -1.49 -7.85
C ALA A 218 -13.88 -1.66 -8.26
N ILE A 219 -13.05 -2.10 -7.32
CA ILE A 219 -11.65 -2.37 -7.63
C ILE A 219 -11.51 -3.53 -8.61
N ARG A 220 -12.31 -4.58 -8.41
CA ARG A 220 -12.30 -5.69 -9.37
C ARG A 220 -12.67 -5.20 -10.77
N ALA A 221 -13.72 -4.37 -10.86
CA ALA A 221 -14.10 -3.79 -12.14
C ALA A 221 -12.98 -2.95 -12.70
N GLY A 222 -12.31 -2.21 -11.82
CA GLY A 222 -11.24 -1.33 -12.24
C GLY A 222 -10.05 -2.09 -12.78
N ILE A 223 -9.76 -3.24 -12.17
CA ILE A 223 -8.70 -4.13 -12.66
C ILE A 223 -9.05 -4.64 -14.06
N ASP A 224 -10.29 -5.07 -14.26
CA ASP A 224 -10.73 -5.54 -15.57
C ASP A 224 -10.87 -4.40 -16.57
N GLY A 225 -10.83 -3.16 -16.08
CA GLY A 225 -10.93 -1.99 -16.93
C GLY A 225 -9.59 -1.34 -17.27
N ILE A 226 -8.50 -1.90 -16.78
CA ILE A 226 -7.18 -1.31 -17.05
C ILE A 226 -6.91 -1.23 -18.55
N ALA A 227 -7.12 -2.33 -19.27
CA ALA A 227 -6.88 -2.34 -20.71
C ALA A 227 -7.56 -1.15 -21.40
N ALA A 228 -8.83 -0.92 -21.07
CA ALA A 228 -9.59 0.18 -21.67
C ALA A 228 -8.91 1.53 -21.44
N GLU A 229 -8.24 1.68 -20.30
CA GLU A 229 -7.53 2.91 -19.99
C GLU A 229 -6.45 3.18 -21.04
N PHE A 230 -5.71 2.14 -21.41
CA PHE A 230 -4.71 2.26 -22.47
C PHE A 230 -5.37 2.22 -23.83
N1A CAA B . 9.96 4.17 -11.38
C2A CAA B . 11.37 4.04 -11.89
N3A CAA B . 12.40 5.04 -11.41
C4A CAA B . 11.99 6.09 -10.44
C5A CAA B . 10.62 6.20 -9.93
C6A CAA B . 9.57 5.21 -10.43
N6A CAA B . 8.22 5.28 -9.93
N7A CAA B . 10.52 7.35 -8.99
C8A CAA B . 11.90 7.98 -8.90
N9A CAA B . 12.77 7.21 -9.80
C1B CAA B . 14.20 7.38 -10.05
C2B CAA B . 14.47 8.79 -10.58
O2B CAA B . 14.51 8.72 -12.00
C3B CAA B . 15.85 9.01 -10.01
O3B CAA B . 16.71 8.14 -10.72
P3B CAA B . 18.28 8.61 -11.03
O7A CAA B . 18.30 9.49 -12.43
O8A CAA B . 18.83 9.55 -9.80
O9A CAA B . 19.08 7.39 -11.17
C4B CAA B . 15.69 8.42 -8.58
O4B CAA B . 14.90 7.21 -8.76
C5B CAA B . 14.84 9.38 -7.73
O5B CAA B . 15.35 10.69 -7.90
P1A CAA B . 15.15 11.72 -6.62
O1A CAA B . 16.34 12.87 -6.62
O2A CAA B . 13.84 12.37 -6.74
O3A CAA B . 15.24 10.78 -5.25
P2A CAA B . 14.35 11.14 -3.89
O4A CAA B . 14.76 10.05 -2.73
O5A CAA B . 14.63 12.51 -3.45
O6A CAA B . 12.73 11.01 -4.26
CBP CAA B . 10.73 9.97 -5.01
CCP CAA B . 12.19 9.72 -4.53
CDP CAA B . 9.92 10.55 -3.81
CEP CAA B . 10.11 8.63 -5.49
CAP CAA B . 10.76 11.03 -6.15
OAP CAA B . 11.71 10.67 -7.13
C9P CAA B . 9.41 11.06 -6.89
O9P CAA B . 8.39 11.38 -6.36
N8P CAA B . 9.45 10.71 -8.31
C7P CAA B . 8.22 10.70 -9.11
C6P CAA B . 7.66 9.27 -9.00
C5P CAA B . 6.48 9.06 -9.94
O5P CAA B . 6.29 9.80 -10.87
N4P CAA B . 5.65 7.86 -9.71
C3P CAA B . 4.54 7.56 -10.60
C2P CAA B . 4.67 6.07 -10.97
S1P CAA B . 3.22 5.67 -12.01
C1 CAA B . 2.02 4.83 -10.92
O1 CAA B . 2.58 4.72 -9.64
C2 CAA B . 0.69 5.58 -10.81
C3 CAA B . -0.18 5.49 -12.07
O3 CAA B . -1.33 5.80 -12.00
C4 CAA B . 0.46 5.32 -13.45
S SO4 C . 11.26 -6.34 -13.66
O1 SO4 C . 10.66 -7.53 -14.26
O2 SO4 C . 11.16 -5.21 -14.58
O3 SO4 C . 10.58 -6.03 -12.42
O4 SO4 C . 12.68 -6.61 -13.36
S SO4 D . -19.35 8.42 0.91
O1 SO4 D . -19.90 7.26 1.60
O2 SO4 D . -18.54 7.98 -0.22
O3 SO4 D . -18.51 9.18 1.83
O4 SO4 D . -20.44 9.27 0.43
S SO4 E . 3.54 18.85 10.25
O1 SO4 E . 2.63 17.73 10.45
O2 SO4 E . 3.00 19.74 9.24
O3 SO4 E . 3.70 19.58 11.50
O4 SO4 E . 4.83 18.36 9.80
#